data_2GQ9
#
_entry.id   2GQ9
#
_cell.length_a   47.992
_cell.length_b   83.905
_cell.length_c   88.362
_cell.angle_alpha   90.00
_cell.angle_beta   90.00
_cell.angle_gamma   90.00
#
_symmetry.space_group_name_H-M   'P 21 21 21'
#
loop_
_entity.id
_entity.type
_entity.pdbx_description
1 polymer 'oxidoreductase, FMN-binding'
2 non-polymer 'SULFATE ION'
3 non-polymer 'FLAVIN MONONUCLEOTIDE'
4 non-polymer P-HYDROXYBENZALDEHYDE
5 water water
#
_entity_poly.entity_id   1
_entity_poly.type   'polypeptide(L)'
_entity_poly.pdbx_seq_one_letter_code
;MTQSLFQPITLGALTLKNRIVMPPMTRSRASQPGDVANHMMAIYYAQRASAGLIVSEGTQISPTAKGYAWTPGIYTPEQI
AGWRIVTEAVHAKGCAIFAQLWHVGRVTHPDNIDGQQPISSSTLKAENVKVFVDNGSDEPGFVDVAVPRAMTKADIAQVI
ADYRQAALNAMEAGFDGIELHAANGYLINQFIDSEANNRSDEYGGSLENRLRFLDEVVAALVDAIGAERVGVRLAPLTTL
NGTVDADPILTYTAAAALLNKHRIVYLHIAEVDWDDAPDTPVSFKRALREAYQGVLIYAGRYNAEKAEQAINDGLADMIG
FGRPFIANPDLPERLRHGYPLAEHVPATLFGGGEKGLTDYPTYQA
;
_entity_poly.pdbx_strand_id   A
#
loop_
_chem_comp.id
_chem_comp.type
_chem_comp.name
_chem_comp.formula
FMN non-polymer 'FLAVIN MONONUCLEOTIDE' 'C17 H21 N4 O9 P'
HBA non-polymer P-HYDROXYBENZALDEHYDE 'C7 H6 O2'
SO4 non-polymer 'SULFATE ION' 'O4 S -2'
#
# COMPACT_ATOMS: atom_id res chain seq x y z
N MET A 1 1.59 1.08 -27.50
CA MET A 1 0.60 0.21 -28.19
C MET A 1 -0.25 -0.62 -27.22
N THR A 2 0.26 -0.87 -26.01
CA THR A 2 -0.52 -1.54 -24.96
C THR A 2 -1.00 -3.01 -25.03
N GLN A 3 -0.53 -3.78 -26.00
CA GLN A 3 -0.98 -5.16 -26.12
C GLN A 3 -0.76 -6.01 -24.86
N SER A 4 0.46 -6.01 -24.33
CA SER A 4 0.75 -6.80 -23.14
C SER A 4 -0.02 -6.31 -21.91
N LEU A 5 -0.20 -4.99 -21.82
CA LEU A 5 -0.91 -4.41 -20.70
C LEU A 5 -2.33 -4.97 -20.60
N PHE A 6 -2.88 -5.36 -21.74
CA PHE A 6 -4.24 -5.89 -21.74
C PHE A 6 -4.33 -7.40 -21.85
N GLN A 7 -3.26 -8.06 -21.43
CA GLN A 7 -3.22 -9.51 -21.40
C GLN A 7 -3.58 -9.90 -19.97
N PRO A 8 -4.36 -10.98 -19.80
CA PRO A 8 -4.70 -11.37 -18.43
C PRO A 8 -3.47 -11.93 -17.73
N ILE A 9 -3.60 -12.19 -16.43
CA ILE A 9 -2.50 -12.73 -15.66
C ILE A 9 -3.02 -13.46 -14.43
N THR A 10 -2.36 -14.57 -14.09
CA THR A 10 -2.75 -15.33 -12.93
C THR A 10 -2.07 -14.76 -11.69
N LEU A 11 -2.84 -14.60 -10.63
CA LEU A 11 -2.31 -14.10 -9.37
C LEU A 11 -2.77 -15.09 -8.31
N GLY A 12 -1.96 -16.12 -8.09
CA GLY A 12 -2.32 -17.13 -7.12
C GLY A 12 -3.50 -17.94 -7.65
N ALA A 13 -4.61 -17.93 -6.92
CA ALA A 13 -5.79 -18.67 -7.32
C ALA A 13 -6.69 -17.83 -8.21
N LEU A 14 -6.29 -16.59 -8.44
CA LEU A 14 -7.06 -15.65 -9.24
C LEU A 14 -6.57 -15.52 -10.65
N THR A 15 -7.50 -15.26 -11.57
CA THR A 15 -7.11 -15.02 -12.94
C THR A 15 -7.64 -13.59 -13.13
N LEU A 16 -6.72 -12.65 -13.37
CA LEU A 16 -7.06 -11.25 -13.54
C LEU A 16 -7.28 -10.86 -14.99
N LYS A 17 -8.13 -9.88 -15.23
CA LYS A 17 -8.47 -9.46 -16.58
C LYS A 17 -7.37 -8.78 -17.37
N ASN A 18 -6.50 -8.04 -16.69
CA ASN A 18 -5.43 -7.33 -17.37
C ASN A 18 -4.28 -7.07 -16.41
N ARG A 19 -3.26 -6.37 -16.87
CA ARG A 19 -2.07 -6.09 -16.06
C ARG A 19 -2.11 -4.76 -15.33
N ILE A 20 -3.26 -4.10 -15.34
CA ILE A 20 -3.42 -2.79 -14.70
C ILE A 20 -3.85 -2.90 -13.24
N VAL A 21 -3.15 -2.18 -12.38
CA VAL A 21 -3.46 -2.20 -10.96
C VAL A 21 -3.87 -0.82 -10.49
N MET A 22 -4.88 -0.76 -9.63
CA MET A 22 -5.28 0.49 -9.02
C MET A 22 -4.51 0.36 -7.69
N PRO A 23 -3.42 1.13 -7.55
CA PRO A 23 -2.59 1.10 -6.34
C PRO A 23 -3.31 1.65 -5.13
N PRO A 24 -2.82 1.31 -3.93
CA PRO A 24 -3.44 1.79 -2.69
C PRO A 24 -3.43 3.30 -2.62
N MET A 25 -4.60 3.89 -2.40
CA MET A 25 -4.68 5.35 -2.30
C MET A 25 -5.63 5.85 -1.22
N THR A 26 -5.04 6.36 -0.16
CA THR A 26 -5.75 6.92 0.98
C THR A 26 -6.59 8.09 0.50
N ARG A 27 -7.90 8.05 0.80
CA ARG A 27 -8.82 9.12 0.41
C ARG A 27 -9.46 9.71 1.66
N SER A 28 -9.24 9.08 2.81
CA SER A 28 -9.77 9.54 4.09
C SER A 28 -11.26 9.90 4.05
N ARG A 29 -12.07 8.93 3.65
CA ARG A 29 -13.52 9.14 3.53
C ARG A 29 -14.28 8.24 4.52
N ALA A 30 -13.55 7.57 5.41
CA ALA A 30 -14.15 6.66 6.38
C ALA A 30 -15.19 7.34 7.27
N SER A 31 -16.29 6.64 7.51
CA SER A 31 -17.36 7.16 8.34
C SER A 31 -16.95 7.36 9.79
N GLN A 32 -17.46 8.42 10.38
CA GLN A 32 -17.18 8.77 11.76
C GLN A 32 -18.47 8.66 12.56
N PRO A 33 -18.39 8.16 13.80
CA PRO A 33 -17.15 7.70 14.43
C PRO A 33 -16.90 6.24 14.08
N GLY A 34 -15.71 5.74 14.40
CA GLY A 34 -15.42 4.35 14.13
C GLY A 34 -14.54 4.04 12.93
N ASP A 35 -14.25 5.04 12.10
CA ASP A 35 -13.42 4.85 10.91
C ASP A 35 -13.88 3.65 10.11
N VAL A 36 -15.13 3.70 9.64
CA VAL A 36 -15.70 2.59 8.91
C VAL A 36 -15.80 2.78 7.41
N ALA A 37 -15.34 1.77 6.66
CA ALA A 37 -15.43 1.83 5.21
C ALA A 37 -16.94 1.93 4.95
N ASN A 38 -17.33 2.77 3.99
CA ASN A 38 -18.74 2.99 3.72
C ASN A 38 -19.23 2.81 2.29
N HIS A 39 -20.47 3.22 2.08
CA HIS A 39 -21.11 3.11 0.77
C HIS A 39 -20.43 3.93 -0.32
N MET A 40 -20.04 5.16 -0.05
CA MET A 40 -19.42 5.94 -1.11
C MET A 40 -18.10 5.31 -1.52
N MET A 41 -17.42 4.67 -0.57
CA MET A 41 -16.15 4.01 -0.88
C MET A 41 -16.44 2.78 -1.73
N ALA A 42 -17.54 2.09 -1.44
CA ALA A 42 -17.89 0.91 -2.23
C ALA A 42 -18.17 1.34 -3.67
N ILE A 43 -18.90 2.44 -3.84
CA ILE A 43 -19.19 2.95 -5.19
C ILE A 43 -17.88 3.33 -5.88
N TYR A 44 -17.02 4.03 -5.13
CA TYR A 44 -15.73 4.49 -5.64
C TYR A 44 -14.90 3.35 -6.21
N TYR A 45 -14.74 2.29 -5.44
CA TYR A 45 -13.96 1.17 -5.91
C TYR A 45 -14.66 0.40 -7.03
N ALA A 46 -15.97 0.23 -6.94
CA ALA A 46 -16.69 -0.49 -7.99
C ALA A 46 -16.59 0.26 -9.33
N GLN A 47 -16.56 1.59 -9.27
CA GLN A 47 -16.43 2.40 -10.49
C GLN A 47 -15.12 2.12 -11.22
N ARG A 48 -14.12 1.65 -10.48
CA ARG A 48 -12.80 1.41 -11.01
C ARG A 48 -12.47 -0.06 -11.14
N ALA A 49 -13.51 -0.89 -11.15
CA ALA A 49 -13.32 -2.32 -11.21
C ALA A 49 -12.88 -2.92 -12.55
N SER A 50 -12.60 -2.07 -13.55
CA SER A 50 -12.13 -2.60 -14.82
C SER A 50 -10.62 -2.82 -14.69
N ALA A 51 -10.06 -2.42 -13.56
CA ALA A 51 -8.64 -2.65 -13.28
C ALA A 51 -8.49 -4.16 -13.17
N GLY A 52 -7.29 -4.68 -13.39
CA GLY A 52 -7.06 -6.11 -13.24
C GLY A 52 -7.05 -6.45 -11.76
N LEU A 53 -6.48 -5.54 -10.97
CA LEU A 53 -6.39 -5.71 -9.53
C LEU A 53 -6.54 -4.38 -8.81
N ILE A 54 -7.31 -4.37 -7.73
CA ILE A 54 -7.46 -3.17 -6.93
C ILE A 54 -6.81 -3.44 -5.58
N VAL A 55 -5.97 -2.52 -5.12
CA VAL A 55 -5.36 -2.64 -3.82
C VAL A 55 -6.03 -1.50 -3.05
N SER A 56 -6.65 -1.83 -1.93
CA SER A 56 -7.34 -0.80 -1.16
C SER A 56 -6.38 0.19 -0.55
N GLU A 57 -6.93 1.36 -0.22
CA GLU A 57 -6.19 2.40 0.47
C GLU A 57 -5.69 1.75 1.76
N GLY A 58 -4.61 2.28 2.33
CA GLY A 58 -4.12 1.72 3.57
C GLY A 58 -5.22 1.68 4.61
N THR A 59 -5.30 0.58 5.35
CA THR A 59 -6.31 0.43 6.38
C THR A 59 -5.58 -0.02 7.65
N GLN A 60 -5.65 0.80 8.70
CA GLN A 60 -4.96 0.52 9.96
C GLN A 60 -5.36 -0.77 10.65
N ILE A 61 -4.36 -1.50 11.15
CA ILE A 61 -4.61 -2.78 11.81
C ILE A 61 -4.98 -2.68 13.27
N SER A 62 -4.88 -1.48 13.82
CA SER A 62 -5.21 -1.24 15.22
C SER A 62 -5.42 0.24 15.47
N PRO A 63 -5.86 0.60 16.69
CA PRO A 63 -6.06 2.02 16.98
C PRO A 63 -4.78 2.83 16.91
N THR A 64 -3.65 2.21 17.28
CA THR A 64 -2.38 2.92 17.27
C THR A 64 -1.58 2.82 15.98
N ALA A 65 -2.17 2.17 14.97
CA ALA A 65 -1.51 2.00 13.68
C ALA A 65 -1.94 3.07 12.68
N LYS A 66 -2.92 3.88 13.09
CA LYS A 66 -3.47 4.96 12.28
C LYS A 66 -2.59 6.20 12.27
N GLY A 67 -2.46 6.84 11.11
CA GLY A 67 -1.63 8.03 11.03
C GLY A 67 -2.32 9.27 10.53
N TYR A 68 -3.49 9.10 9.91
CA TYR A 68 -4.23 10.22 9.35
C TYR A 68 -5.71 10.15 9.69
N ALA A 69 -6.35 11.30 9.82
CA ALA A 69 -7.77 11.36 10.15
C ALA A 69 -8.63 10.72 9.07
N TRP A 70 -9.68 10.04 9.51
CA TRP A 70 -10.66 9.42 8.63
C TRP A 70 -10.25 8.27 7.73
N THR A 71 -9.14 7.60 8.02
CA THR A 71 -8.74 6.45 7.21
C THR A 71 -9.49 5.26 7.81
N PRO A 72 -9.91 4.30 6.98
CA PRO A 72 -10.64 3.11 7.43
C PRO A 72 -9.81 2.07 8.15
N GLY A 73 -10.37 1.51 9.23
CA GLY A 73 -9.67 0.50 9.98
C GLY A 73 -10.15 -0.87 9.54
N ILE A 74 -9.47 -1.91 10.01
CA ILE A 74 -9.87 -3.27 9.65
C ILE A 74 -9.76 -4.19 10.86
N TYR A 75 -10.06 -3.64 12.03
CA TYR A 75 -9.99 -4.42 13.27
C TYR A 75 -11.30 -4.58 14.06
N THR A 76 -12.30 -3.74 13.81
CA THR A 76 -13.57 -3.86 14.53
C THR A 76 -14.59 -4.61 13.69
N PRO A 77 -15.62 -5.17 14.33
CA PRO A 77 -16.62 -5.90 13.54
C PRO A 77 -17.28 -4.98 12.51
N GLU A 78 -17.53 -3.73 12.91
CA GLU A 78 -18.16 -2.78 12.01
C GLU A 78 -17.25 -2.46 10.82
N GLN A 79 -15.97 -2.30 11.07
CA GLN A 79 -15.04 -2.00 10.00
C GLN A 79 -14.94 -3.17 9.02
N ILE A 80 -15.05 -4.39 9.54
CA ILE A 80 -14.99 -5.56 8.68
C ILE A 80 -16.22 -5.57 7.79
N ALA A 81 -17.39 -5.35 8.39
CA ALA A 81 -18.65 -5.31 7.65
C ALA A 81 -18.61 -4.20 6.61
N GLY A 82 -18.08 -3.04 7.00
CA GLY A 82 -17.97 -1.93 6.07
C GLY A 82 -17.14 -2.32 4.86
N TRP A 83 -16.02 -3.00 5.08
CA TRP A 83 -15.16 -3.44 3.99
C TRP A 83 -15.85 -4.48 3.14
N ARG A 84 -16.68 -5.32 3.78
CA ARG A 84 -17.41 -6.36 3.06
C ARG A 84 -18.30 -5.74 2.00
N ILE A 85 -18.93 -4.61 2.34
CA ILE A 85 -19.81 -3.91 1.40
C ILE A 85 -18.97 -3.56 0.18
N VAL A 86 -17.76 -3.08 0.43
CA VAL A 86 -16.85 -2.71 -0.64
C VAL A 86 -16.43 -3.90 -1.50
N THR A 87 -15.95 -4.98 -0.89
CA THR A 87 -15.51 -6.11 -1.68
C THR A 87 -16.62 -6.76 -2.48
N GLU A 88 -17.83 -6.79 -1.92
CA GLU A 88 -18.96 -7.37 -2.63
C GLU A 88 -19.29 -6.51 -3.85
N ALA A 89 -19.24 -5.19 -3.66
CA ALA A 89 -19.52 -4.27 -4.75
C ALA A 89 -18.50 -4.46 -5.86
N VAL A 90 -17.23 -4.60 -5.46
CA VAL A 90 -16.15 -4.79 -6.42
C VAL A 90 -16.26 -6.15 -7.10
N HIS A 91 -16.60 -7.18 -6.33
CA HIS A 91 -16.69 -8.50 -6.91
C HIS A 91 -17.88 -8.65 -7.84
N ALA A 92 -18.93 -7.87 -7.58
CA ALA A 92 -20.12 -7.89 -8.41
C ALA A 92 -19.78 -7.37 -9.80
N LYS A 93 -18.66 -6.64 -9.89
CA LYS A 93 -18.21 -6.07 -11.15
C LYS A 93 -17.14 -6.94 -11.80
N GLY A 94 -16.70 -7.97 -11.09
CA GLY A 94 -15.68 -8.84 -11.63
C GLY A 94 -14.31 -8.22 -11.54
N CYS A 95 -13.75 -8.22 -10.33
CA CYS A 95 -12.43 -7.66 -10.10
C CYS A 95 -11.89 -8.19 -8.78
N ALA A 96 -10.57 -8.37 -8.71
CA ALA A 96 -9.95 -8.86 -7.50
C ALA A 96 -9.56 -7.66 -6.65
N ILE A 97 -9.61 -7.80 -5.33
CA ILE A 97 -9.24 -6.69 -4.46
C ILE A 97 -8.50 -7.17 -3.21
N PHE A 98 -7.36 -6.55 -2.95
CA PHE A 98 -6.52 -6.85 -1.79
C PHE A 98 -6.59 -5.68 -0.83
N ALA A 99 -6.52 -5.98 0.47
CA ALA A 99 -6.56 -4.96 1.50
C ALA A 99 -5.13 -4.58 1.90
N GLN A 100 -4.78 -3.30 1.86
CA GLN A 100 -3.44 -2.93 2.25
C GLN A 100 -3.39 -2.73 3.76
N LEU A 101 -2.79 -3.69 4.46
CA LEU A 101 -2.69 -3.65 5.93
C LEU A 101 -1.66 -2.61 6.30
N TRP A 102 -2.09 -1.63 7.09
CA TRP A 102 -1.26 -0.49 7.45
C TRP A 102 -0.93 -0.25 8.91
N HIS A 103 0.31 0.14 9.15
CA HIS A 103 0.75 0.55 10.48
C HIS A 103 1.75 1.65 10.16
N VAL A 104 1.40 2.88 10.52
CA VAL A 104 2.24 4.04 10.22
C VAL A 104 3.48 4.22 11.09
N GLY A 105 3.59 3.44 12.16
CA GLY A 105 4.74 3.59 13.02
C GLY A 105 4.83 5.02 13.54
N ARG A 106 5.98 5.65 13.36
CA ARG A 106 6.21 7.00 13.84
C ARG A 106 5.52 8.12 13.07
N VAL A 107 4.97 7.81 11.90
CA VAL A 107 4.31 8.82 11.10
C VAL A 107 2.87 9.04 11.57
N THR A 108 2.71 9.70 12.70
CA THR A 108 1.39 9.97 13.26
C THR A 108 1.47 10.99 14.39
N HIS A 109 0.35 11.21 15.06
CA HIS A 109 0.24 12.16 16.16
C HIS A 109 -0.62 11.51 17.26
N PRO A 110 -0.33 11.81 18.53
CA PRO A 110 -1.11 11.23 19.62
C PRO A 110 -2.62 11.40 19.41
N ASP A 111 -3.02 12.50 18.78
CA ASP A 111 -4.43 12.74 18.55
C ASP A 111 -5.10 11.68 17.68
N ASN A 112 -4.34 11.11 16.75
CA ASN A 112 -4.89 10.08 15.87
C ASN A 112 -4.84 8.67 16.46
N ILE A 113 -4.13 8.49 17.56
CA ILE A 113 -4.02 7.18 18.18
C ILE A 113 -4.40 7.18 19.66
N ASP A 114 -5.53 7.78 19.98
CA ASP A 114 -6.04 7.86 21.34
C ASP A 114 -5.02 8.39 22.34
N GLY A 115 -4.40 9.53 22.00
CA GLY A 115 -3.42 10.14 22.88
C GLY A 115 -2.13 9.37 23.09
N GLN A 116 -2.08 8.11 22.65
CA GLN A 116 -0.88 7.29 22.82
C GLN A 116 0.34 7.84 22.09
N GLN A 117 1.52 7.38 22.51
CA GLN A 117 2.76 7.83 21.87
C GLN A 117 3.06 6.90 20.70
N PRO A 118 3.44 7.48 19.55
CA PRO A 118 3.76 6.69 18.36
C PRO A 118 4.89 5.70 18.63
N ILE A 119 4.83 4.53 18.00
CA ILE A 119 5.87 3.53 18.17
C ILE A 119 6.68 3.41 16.89
N SER A 120 7.92 2.94 17.02
CA SER A 120 8.79 2.80 15.85
C SER A 120 9.94 1.86 16.20
N SER A 121 10.82 1.62 15.25
CA SER A 121 11.97 0.75 15.49
C SER A 121 12.84 1.41 16.53
N SER A 122 12.92 2.73 16.45
CA SER A 122 13.75 3.52 17.35
C SER A 122 13.01 4.74 17.88
N THR A 123 13.76 5.64 18.52
CA THR A 123 13.20 6.86 19.09
C THR A 123 13.47 8.05 18.17
N LEU A 124 13.59 7.79 16.88
CA LEU A 124 13.86 8.83 15.89
C LEU A 124 12.58 9.41 15.29
N LYS A 125 12.47 10.72 15.30
CA LYS A 125 11.30 11.40 14.74
C LYS A 125 11.49 11.62 13.24
N ALA A 126 10.40 11.53 12.48
CA ALA A 126 10.48 11.76 11.05
C ALA A 126 10.65 13.26 10.87
N GLU A 127 11.70 13.65 10.13
CA GLU A 127 11.99 15.06 9.90
C GLU A 127 10.97 15.75 8.99
N ASN A 128 10.49 16.90 9.45
CA ASN A 128 9.51 17.68 8.68
C ASN A 128 8.49 16.78 7.98
N VAL A 129 7.78 15.99 8.77
CA VAL A 129 6.75 15.10 8.25
C VAL A 129 5.49 15.45 9.02
N LYS A 130 4.45 15.83 8.30
CA LYS A 130 3.19 16.19 8.93
C LYS A 130 2.07 15.22 8.60
N VAL A 131 1.08 15.16 9.48
CA VAL A 131 -0.07 14.30 9.29
C VAL A 131 -1.32 15.16 9.54
N PHE A 132 -2.50 14.64 9.23
CA PHE A 132 -3.73 15.39 9.42
C PHE A 132 -4.49 14.85 10.64
N VAL A 133 -5.30 15.68 11.27
CA VAL A 133 -6.04 15.27 12.46
C VAL A 133 -7.49 15.75 12.60
N ASP A 134 -8.16 15.24 13.62
CA ASP A 134 -9.54 15.61 13.92
C ASP A 134 -10.63 14.69 13.38
N ASN A 135 -11.79 15.28 13.10
CA ASN A 135 -12.93 14.54 12.57
C ASN A 135 -14.00 15.50 12.04
N GLU A 139 -10.89 17.69 12.29
CA GLU A 139 -10.70 18.36 11.01
C GLU A 139 -9.64 19.47 11.01
N PRO A 140 -9.57 20.25 12.10
CA PRO A 140 -8.58 21.35 12.18
C PRO A 140 -7.52 21.40 11.09
N GLY A 141 -6.64 20.40 11.02
CA GLY A 141 -5.63 20.43 9.97
C GLY A 141 -4.37 19.62 10.18
N PHE A 142 -3.32 19.98 9.44
CA PHE A 142 -2.04 19.30 9.51
C PHE A 142 -1.24 19.70 10.74
N VAL A 143 -0.47 18.74 11.26
CA VAL A 143 0.36 18.98 12.43
C VAL A 143 1.65 18.17 12.26
N ASP A 144 2.72 18.61 12.91
CA ASP A 144 3.99 17.90 12.82
C ASP A 144 3.90 16.59 13.58
N VAL A 145 4.54 15.55 13.07
CA VAL A 145 4.52 14.26 13.74
C VAL A 145 5.19 14.35 15.10
N ALA A 146 4.89 13.38 15.96
CA ALA A 146 5.44 13.35 17.31
C ALA A 146 6.66 12.44 17.37
N VAL A 147 7.30 12.41 18.54
CA VAL A 147 8.48 11.58 18.75
C VAL A 147 8.05 10.17 19.15
N PRO A 148 8.50 9.17 18.38
CA PRO A 148 8.14 7.78 18.68
C PRO A 148 8.98 7.21 19.81
N ARG A 149 8.52 6.10 20.35
CA ARG A 149 9.24 5.40 21.40
C ARG A 149 9.64 4.09 20.75
N ALA A 150 10.84 3.61 21.06
CA ALA A 150 11.33 2.36 20.48
C ALA A 150 10.47 1.18 20.90
N MET A 151 10.17 0.31 19.94
CA MET A 151 9.36 -0.87 20.21
C MET A 151 10.09 -1.93 21.03
N THR A 152 9.44 -2.39 22.09
CA THR A 152 10.03 -3.42 22.93
C THR A 152 9.69 -4.75 22.27
N LYS A 153 10.24 -5.84 22.79
CA LYS A 153 9.97 -7.15 22.23
C LYS A 153 8.49 -7.48 22.35
N ALA A 154 7.85 -6.95 23.38
CA ALA A 154 6.42 -7.18 23.59
C ALA A 154 5.63 -6.44 22.52
N ASP A 155 6.04 -5.21 22.22
CA ASP A 155 5.39 -4.40 21.19
C ASP A 155 5.43 -5.14 19.88
N ILE A 156 6.60 -5.67 19.54
CA ILE A 156 6.79 -6.40 18.30
C ILE A 156 5.85 -7.60 18.19
N ALA A 157 5.75 -8.37 19.27
CA ALA A 157 4.89 -9.54 19.27
C ALA A 157 3.44 -9.10 19.09
N GLN A 158 3.08 -7.96 19.67
CA GLN A 158 1.73 -7.42 19.59
C GLN A 158 1.38 -6.97 18.17
N VAL A 159 2.28 -6.20 17.56
CA VAL A 159 2.04 -5.72 16.20
C VAL A 159 1.93 -6.88 15.23
N ILE A 160 2.80 -7.88 15.38
CA ILE A 160 2.73 -9.06 14.51
C ILE A 160 1.37 -9.72 14.70
N ALA A 161 0.90 -9.72 15.95
CA ALA A 161 -0.39 -10.31 16.29
C ALA A 161 -1.49 -9.51 15.61
N ASP A 162 -1.37 -8.19 15.65
CA ASP A 162 -2.35 -7.30 15.03
C ASP A 162 -2.35 -7.49 13.51
N TYR A 163 -1.18 -7.70 12.92
CA TYR A 163 -1.10 -7.90 11.49
C TYR A 163 -1.75 -9.23 11.12
N ARG A 164 -1.44 -10.26 11.90
CA ARG A 164 -2.00 -11.59 11.64
C ARG A 164 -3.53 -11.58 11.71
N GLN A 165 -4.06 -10.92 12.72
CA GLN A 165 -5.51 -10.85 12.88
C GLN A 165 -6.15 -10.00 11.79
N ALA A 166 -5.45 -8.93 11.39
CA ALA A 166 -5.96 -8.06 10.33
C ALA A 166 -6.12 -8.87 9.05
N ALA A 167 -5.18 -9.78 8.81
CA ALA A 167 -5.22 -10.62 7.62
C ALA A 167 -6.49 -11.47 7.67
N LEU A 168 -6.75 -12.08 8.82
CA LEU A 168 -7.94 -12.90 8.98
C LEU A 168 -9.18 -12.04 8.79
N ASN A 169 -9.17 -10.83 9.35
CA ASN A 169 -10.31 -9.93 9.21
C ASN A 169 -10.54 -9.55 7.75
N ALA A 170 -9.46 -9.41 6.99
CA ALA A 170 -9.58 -9.06 5.57
C ALA A 170 -10.30 -10.18 4.82
N MET A 171 -9.98 -11.42 5.17
CA MET A 171 -10.62 -12.54 4.51
C MET A 171 -12.09 -12.57 4.92
N GLU A 172 -12.35 -12.28 6.19
CA GLU A 172 -13.73 -12.27 6.67
C GLU A 172 -14.50 -11.15 5.98
N ALA A 173 -13.77 -10.11 5.57
CA ALA A 173 -14.36 -8.97 4.87
C ALA A 173 -14.52 -9.24 3.38
N GLY A 174 -14.09 -10.41 2.93
CA GLY A 174 -14.24 -10.74 1.52
C GLY A 174 -13.12 -10.36 0.58
N PHE A 175 -12.02 -9.84 1.10
CA PHE A 175 -10.89 -9.49 0.25
C PHE A 175 -10.27 -10.75 -0.32
N ASP A 176 -9.68 -10.64 -1.50
CA ASP A 176 -9.03 -11.80 -2.13
C ASP A 176 -7.64 -12.01 -1.59
N GLY A 177 -7.14 -11.01 -0.88
CA GLY A 177 -5.81 -11.11 -0.31
C GLY A 177 -5.47 -9.84 0.41
N ILE A 178 -4.23 -9.73 0.89
CA ILE A 178 -3.79 -8.53 1.60
C ILE A 178 -2.45 -8.06 1.07
N GLU A 179 -2.18 -6.77 1.20
CA GLU A 179 -0.89 -6.21 0.78
C GLU A 179 -0.27 -5.61 2.03
N LEU A 180 0.93 -6.08 2.35
CA LEU A 180 1.61 -5.54 3.53
C LEU A 180 2.25 -4.22 3.15
N HIS A 181 1.86 -3.15 3.82
CA HIS A 181 2.45 -1.85 3.52
C HIS A 181 3.79 -1.76 4.25
N ALA A 182 4.87 -2.05 3.53
CA ALA A 182 6.20 -1.98 4.14
C ALA A 182 6.97 -0.89 3.42
N ALA A 183 6.23 0.07 2.88
CA ALA A 183 6.82 1.16 2.14
C ALA A 183 6.52 2.54 2.70
N ASN A 184 6.87 3.53 1.88
CA ASN A 184 6.67 4.94 2.14
C ASN A 184 6.92 5.47 3.53
N GLY A 185 7.97 4.95 4.16
CA GLY A 185 8.36 5.41 5.48
C GLY A 185 7.50 5.06 6.67
N TYR A 186 6.66 4.03 6.54
CA TYR A 186 5.82 3.63 7.65
C TYR A 186 6.51 2.61 8.56
N LEU A 187 5.78 2.00 9.49
CA LEU A 187 6.41 1.10 10.48
C LEU A 187 7.47 0.10 10.03
N ILE A 188 7.14 -0.81 9.12
CA ILE A 188 8.13 -1.79 8.70
C ILE A 188 9.30 -1.13 7.98
N ASN A 189 9.01 -0.10 7.21
CA ASN A 189 10.04 0.66 6.48
C ASN A 189 11.01 1.27 7.49
N GLN A 190 10.48 1.62 8.67
CA GLN A 190 11.29 2.20 9.74
C GLN A 190 12.30 1.23 10.32
N PHE A 191 12.07 -0.07 10.11
CA PHE A 191 13.01 -1.08 10.59
C PHE A 191 14.02 -1.37 9.46
N ILE A 192 13.50 -1.43 8.25
CA ILE A 192 14.29 -1.72 7.05
C ILE A 192 15.43 -0.75 6.75
N ASP A 193 15.09 0.53 6.62
CA ASP A 193 16.09 1.53 6.29
C ASP A 193 17.04 1.81 7.45
N SER A 194 18.33 1.71 7.16
CA SER A 194 19.40 1.91 8.15
C SER A 194 19.29 3.22 8.93
N GLU A 195 19.15 4.32 8.22
CA GLU A 195 19.09 5.63 8.86
C GLU A 195 17.84 5.95 9.68
N ALA A 196 16.94 4.97 9.80
CA ALA A 196 15.73 5.16 10.58
C ALA A 196 15.69 4.14 11.71
N ASN A 197 16.63 3.18 11.65
CA ASN A 197 16.72 2.12 12.64
C ASN A 197 18.07 2.15 13.32
N ASN A 198 18.08 2.47 14.62
CA ASN A 198 19.33 2.51 15.36
C ASN A 198 19.26 1.56 16.55
N ARG A 199 18.52 0.47 16.38
CA ARG A 199 18.37 -0.54 17.43
C ARG A 199 19.68 -1.31 17.60
N SER A 200 19.91 -1.82 18.80
CA SER A 200 21.12 -2.58 19.07
C SER A 200 20.81 -4.05 19.27
N ASP A 201 19.53 -4.41 19.18
CA ASP A 201 19.15 -5.80 19.36
C ASP A 201 19.07 -6.53 18.01
N GLU A 202 18.42 -7.68 18.00
CA GLU A 202 18.31 -8.48 16.77
C GLU A 202 17.50 -7.83 15.64
N TYR A 203 16.89 -6.69 15.90
CA TYR A 203 16.07 -6.01 14.90
C TYR A 203 16.78 -4.76 14.34
N GLY A 204 18.07 -4.63 14.65
CA GLY A 204 18.82 -3.49 14.17
C GLY A 204 20.27 -3.81 13.86
N GLY A 205 20.96 -2.87 13.22
CA GLY A 205 22.35 -3.07 12.87
C GLY A 205 22.56 -3.69 11.50
N SER A 206 22.84 -4.99 11.48
CA SER A 206 23.07 -5.70 10.23
C SER A 206 21.87 -5.63 9.30
N LEU A 207 22.09 -5.98 8.04
CA LEU A 207 21.00 -5.97 7.07
C LEU A 207 20.03 -7.07 7.46
N GLU A 208 20.57 -8.22 7.86
CA GLU A 208 19.74 -9.35 8.27
C GLU A 208 18.83 -8.97 9.43
N ASN A 209 19.36 -8.21 10.37
CA ASN A 209 18.58 -7.78 11.53
C ASN A 209 17.52 -6.75 11.17
N ARG A 210 17.87 -5.85 10.25
CA ARG A 210 16.94 -4.81 9.81
C ARG A 210 15.76 -5.39 9.04
N LEU A 211 15.95 -6.58 8.47
CA LEU A 211 14.90 -7.24 7.70
C LEU A 211 14.11 -8.24 8.56
N ARG A 212 14.56 -8.44 9.79
CA ARG A 212 13.91 -9.40 10.69
C ARG A 212 12.42 -9.16 10.94
N PHE A 213 12.05 -7.91 11.18
CA PHE A 213 10.65 -7.58 11.46
C PHE A 213 9.78 -7.87 10.23
N LEU A 214 10.27 -7.55 9.04
CA LEU A 214 9.53 -7.80 7.81
C LEU A 214 9.36 -9.31 7.69
N ASP A 215 10.45 -10.02 7.95
CA ASP A 215 10.45 -11.48 7.86
C ASP A 215 9.40 -12.11 8.78
N GLU A 216 9.35 -11.64 10.02
CA GLU A 216 8.41 -12.19 10.99
C GLU A 216 6.97 -11.82 10.72
N VAL A 217 6.73 -10.60 10.26
CA VAL A 217 5.37 -10.17 9.95
C VAL A 217 4.86 -11.00 8.77
N VAL A 218 5.67 -11.12 7.72
CA VAL A 218 5.25 -11.90 6.56
C VAL A 218 5.02 -13.35 6.95
N ALA A 219 5.91 -13.90 7.78
CA ALA A 219 5.77 -15.28 8.23
C ALA A 219 4.36 -15.47 8.82
N ALA A 220 3.96 -14.53 9.67
CA ALA A 220 2.66 -14.58 10.32
C ALA A 220 1.51 -14.43 9.32
N LEU A 221 1.64 -13.48 8.41
CA LEU A 221 0.59 -13.27 7.41
C LEU A 221 0.38 -14.51 6.56
N VAL A 222 1.48 -15.11 6.12
CA VAL A 222 1.39 -16.30 5.29
C VAL A 222 0.77 -17.46 6.07
N ASP A 223 1.18 -17.60 7.32
CA ASP A 223 0.67 -18.67 8.18
C ASP A 223 -0.85 -18.51 8.34
N ALA A 224 -1.30 -17.28 8.44
CA ALA A 224 -2.73 -17.01 8.63
C ALA A 224 -3.62 -17.24 7.42
N ILE A 225 -3.22 -16.76 6.24
CA ILE A 225 -4.07 -16.90 5.06
C ILE A 225 -3.45 -17.50 3.80
N GLY A 226 -2.19 -17.92 3.89
CA GLY A 226 -1.56 -18.51 2.72
C GLY A 226 -0.78 -17.50 1.90
N ALA A 227 0.39 -17.91 1.42
CA ALA A 227 1.25 -17.05 0.62
C ALA A 227 0.59 -16.57 -0.67
N GLU A 228 -0.30 -17.39 -1.23
CA GLU A 228 -0.98 -17.04 -2.46
C GLU A 228 -1.91 -15.84 -2.30
N ARG A 229 -2.13 -15.42 -1.06
CA ARG A 229 -3.00 -14.28 -0.79
C ARG A 229 -2.27 -13.16 -0.07
N VAL A 230 -0.93 -13.22 -0.07
CA VAL A 230 -0.12 -12.20 0.57
C VAL A 230 0.79 -11.46 -0.40
N GLY A 231 0.66 -10.14 -0.43
CA GLY A 231 1.49 -9.31 -1.28
C GLY A 231 2.22 -8.35 -0.36
N VAL A 232 3.33 -7.77 -0.82
CA VAL A 232 4.08 -6.85 0.02
C VAL A 232 4.51 -5.65 -0.79
N ARG A 233 4.42 -4.45 -0.22
CA ARG A 233 4.84 -3.26 -0.94
C ARG A 233 6.09 -2.65 -0.32
N LEU A 234 7.07 -2.32 -1.16
CA LEU A 234 8.32 -1.71 -0.70
C LEU A 234 8.58 -0.39 -1.45
N ALA A 235 9.43 0.45 -0.89
CA ALA A 235 9.80 1.71 -1.50
C ALA A 235 11.31 1.84 -1.33
N PRO A 236 12.07 1.16 -2.19
CA PRO A 236 13.53 1.17 -2.13
C PRO A 236 14.22 2.52 -2.18
N LEU A 237 13.85 3.36 -3.15
CA LEU A 237 14.53 4.64 -3.35
C LEU A 237 13.87 5.93 -2.91
N THR A 238 12.57 5.93 -2.65
CA THR A 238 11.93 7.16 -2.22
C THR A 238 12.27 7.38 -0.75
N THR A 239 12.13 8.63 -0.29
CA THR A 239 12.46 8.94 1.10
C THR A 239 11.55 10.02 1.70
N LEU A 240 10.55 10.43 0.94
CA LEU A 240 9.62 11.49 1.35
C LEU A 240 9.12 11.49 2.81
N ASN A 241 8.82 10.31 3.36
CA ASN A 241 8.32 10.25 4.74
C ASN A 241 9.39 10.17 5.83
N GLY A 242 10.65 10.41 5.47
CA GLY A 242 11.70 10.38 6.46
C GLY A 242 12.62 9.18 6.54
N THR A 243 12.29 8.10 5.82
CA THR A 243 13.15 6.93 5.87
C THR A 243 14.17 6.93 4.75
N VAL A 244 15.42 6.74 5.13
CA VAL A 244 16.52 6.69 4.17
C VAL A 244 17.40 5.51 4.50
N ASP A 245 17.87 4.82 3.47
CA ASP A 245 18.76 3.68 3.67
C ASP A 245 20.15 4.10 3.18
N ALA A 246 21.18 3.46 3.71
CA ALA A 246 22.54 3.79 3.32
C ALA A 246 22.95 3.10 2.02
N ASP A 247 22.39 1.92 1.79
CA ASP A 247 22.68 1.13 0.60
C ASP A 247 21.36 0.51 0.12
N PRO A 248 20.42 1.36 -0.35
CA PRO A 248 19.10 0.95 -0.84
C PRO A 248 19.13 -0.23 -1.80
N ILE A 249 19.99 -0.15 -2.80
CA ILE A 249 20.09 -1.22 -3.79
C ILE A 249 20.34 -2.58 -3.16
N LEU A 250 21.30 -2.66 -2.24
CA LEU A 250 21.60 -3.93 -1.58
C LEU A 250 20.49 -4.35 -0.61
N THR A 251 20.06 -3.41 0.21
CA THR A 251 19.02 -3.67 1.21
C THR A 251 17.75 -4.23 0.60
N TYR A 252 17.28 -3.59 -0.46
CA TYR A 252 16.05 -4.02 -1.10
C TYR A 252 16.17 -5.22 -2.04
N THR A 253 17.36 -5.44 -2.58
CA THR A 253 17.53 -6.62 -3.41
C THR A 253 17.45 -7.79 -2.43
N ALA A 254 18.02 -7.60 -1.25
CA ALA A 254 18.00 -8.63 -0.22
C ALA A 254 16.58 -8.86 0.25
N ALA A 255 15.86 -7.77 0.50
CA ALA A 255 14.48 -7.86 0.95
C ALA A 255 13.66 -8.66 -0.06
N ALA A 256 13.91 -8.40 -1.34
CA ALA A 256 13.18 -9.12 -2.40
C ALA A 256 13.48 -10.61 -2.36
N ALA A 257 14.74 -10.95 -2.11
CA ALA A 257 15.14 -12.36 -2.06
C ALA A 257 14.49 -13.00 -0.84
N LEU A 258 14.44 -12.26 0.26
CA LEU A 258 13.83 -12.76 1.48
C LEU A 258 12.35 -13.05 1.24
N LEU A 259 11.65 -12.09 0.63
CA LEU A 259 10.24 -12.26 0.34
C LEU A 259 9.99 -13.40 -0.63
N ASN A 260 10.95 -13.62 -1.52
CA ASN A 260 10.83 -14.70 -2.49
C ASN A 260 10.80 -16.05 -1.77
N LYS A 261 11.51 -16.14 -0.65
CA LYS A 261 11.54 -17.38 0.12
C LYS A 261 10.16 -17.67 0.72
N HIS A 262 9.45 -16.61 1.08
CA HIS A 262 8.11 -16.75 1.64
C HIS A 262 7.09 -17.05 0.54
N ARG A 263 7.54 -16.95 -0.71
CA ARG A 263 6.68 -17.19 -1.85
C ARG A 263 5.46 -16.27 -1.85
N ILE A 264 5.64 -15.03 -1.40
CA ILE A 264 4.48 -14.12 -1.42
C ILE A 264 4.02 -14.04 -2.87
N VAL A 265 2.71 -13.85 -3.06
CA VAL A 265 2.13 -13.85 -4.40
C VAL A 265 2.58 -12.69 -5.30
N TYR A 266 2.83 -11.52 -4.73
CA TYR A 266 3.34 -10.42 -5.53
C TYR A 266 4.19 -9.48 -4.70
N LEU A 267 5.08 -8.77 -5.37
CA LEU A 267 5.93 -7.78 -4.75
C LEU A 267 5.59 -6.51 -5.51
N HIS A 268 5.21 -5.47 -4.77
CA HIS A 268 4.79 -4.20 -5.34
C HIS A 268 5.82 -3.15 -4.98
N ILE A 269 6.41 -2.53 -6.00
CA ILE A 269 7.42 -1.50 -5.79
C ILE A 269 6.83 -0.11 -6.03
N ALA A 270 6.89 0.74 -5.01
CA ALA A 270 6.40 2.11 -5.10
C ALA A 270 7.61 2.91 -5.58
N GLU A 271 7.60 3.24 -6.87
CA GLU A 271 8.69 3.95 -7.53
C GLU A 271 8.68 5.46 -7.35
N VAL A 272 7.50 5.99 -7.13
CA VAL A 272 7.34 7.42 -6.95
C VAL A 272 6.35 7.66 -5.83
N ASP A 273 6.61 8.69 -5.04
CA ASP A 273 5.72 9.06 -3.95
C ASP A 273 5.56 10.57 -4.12
N TRP A 274 4.43 10.97 -4.70
CA TRP A 274 4.15 12.37 -4.98
C TRP A 274 5.15 12.87 -6.02
N ASP A 275 5.96 13.87 -5.65
CA ASP A 275 6.96 14.38 -6.57
C ASP A 275 8.36 13.87 -6.25
N ASP A 276 8.41 12.83 -5.43
CA ASP A 276 9.67 12.19 -5.05
C ASP A 276 9.84 11.04 -6.03
N ALA A 277 10.47 11.32 -7.17
CA ALA A 277 10.68 10.32 -8.20
C ALA A 277 12.17 10.13 -8.48
N PRO A 278 12.84 9.32 -7.65
CA PRO A 278 14.28 9.06 -7.81
C PRO A 278 14.55 8.18 -9.02
N ASP A 279 15.66 8.42 -9.71
CA ASP A 279 15.99 7.59 -10.86
C ASP A 279 16.08 6.15 -10.37
N THR A 280 15.30 5.28 -10.99
CA THR A 280 15.30 3.87 -10.63
C THR A 280 16.02 3.12 -11.72
N PRO A 281 17.31 2.84 -11.51
CA PRO A 281 18.15 2.12 -12.47
C PRO A 281 17.53 0.85 -13.03
N VAL A 282 17.59 0.69 -14.34
CA VAL A 282 17.05 -0.50 -14.97
C VAL A 282 17.81 -1.70 -14.42
N SER A 283 19.08 -1.49 -14.10
CA SER A 283 19.89 -2.58 -13.56
C SER A 283 19.32 -3.03 -12.22
N PHE A 284 18.82 -2.08 -11.43
CA PHE A 284 18.22 -2.41 -10.15
C PHE A 284 16.94 -3.18 -10.38
N LYS A 285 16.14 -2.74 -11.35
CA LYS A 285 14.90 -3.43 -11.67
C LYS A 285 15.18 -4.84 -12.12
N ARG A 286 16.23 -5.04 -12.92
CA ARG A 286 16.52 -6.39 -13.38
C ARG A 286 17.00 -7.28 -12.22
N ALA A 287 17.64 -6.69 -11.24
CA ALA A 287 18.10 -7.47 -10.08
C ALA A 287 16.88 -7.89 -9.26
N LEU A 288 15.91 -6.99 -9.12
CA LEU A 288 14.70 -7.33 -8.36
C LEU A 288 13.96 -8.47 -9.06
N ARG A 289 13.96 -8.42 -10.39
CA ARG A 289 13.31 -9.44 -11.21
C ARG A 289 13.92 -10.82 -10.97
N GLU A 290 15.21 -10.85 -10.68
CA GLU A 290 15.89 -12.12 -10.42
C GLU A 290 15.76 -12.54 -8.97
N ALA A 291 15.80 -11.57 -8.06
CA ALA A 291 15.69 -11.85 -6.63
C ALA A 291 14.30 -12.36 -6.27
N TYR A 292 13.29 -11.80 -6.90
CA TYR A 292 11.91 -12.18 -6.63
C TYR A 292 11.26 -12.77 -7.88
N GLN A 293 10.80 -14.02 -7.78
CA GLN A 293 10.22 -14.74 -8.91
C GLN A 293 8.71 -14.73 -9.06
N GLY A 294 8.00 -13.97 -8.22
CA GLY A 294 6.56 -13.95 -8.31
C GLY A 294 6.07 -12.84 -9.24
N VAL A 295 4.84 -12.37 -9.02
CA VAL A 295 4.29 -11.30 -9.83
C VAL A 295 4.89 -9.99 -9.31
N LEU A 296 5.56 -9.26 -10.19
CA LEU A 296 6.18 -7.98 -9.84
C LEU A 296 5.34 -6.84 -10.33
N ILE A 297 5.01 -5.93 -9.43
CA ILE A 297 4.17 -4.80 -9.76
C ILE A 297 4.93 -3.52 -9.46
N TYR A 298 4.83 -2.55 -10.36
CA TYR A 298 5.47 -1.25 -10.18
C TYR A 298 4.44 -0.16 -10.34
N ALA A 299 4.61 0.94 -9.59
CA ALA A 299 3.71 2.08 -9.70
C ALA A 299 4.53 3.36 -9.51
N GLY A 300 4.17 4.40 -10.23
CA GLY A 300 4.89 5.67 -10.10
C GLY A 300 5.15 6.34 -11.43
N ARG A 301 4.31 7.33 -11.76
CA ARG A 301 4.43 8.09 -12.98
C ARG A 301 4.39 7.31 -14.28
N TYR A 302 3.70 6.17 -14.30
CA TYR A 302 3.61 5.41 -15.54
C TYR A 302 2.50 5.93 -16.43
N ASN A 303 2.72 5.83 -17.75
CA ASN A 303 1.69 6.17 -18.73
C ASN A 303 1.55 4.86 -19.52
N ALA A 304 0.67 4.82 -20.52
CA ALA A 304 0.49 3.58 -21.28
C ALA A 304 1.78 3.07 -21.93
N GLU A 305 2.54 3.98 -22.52
CA GLU A 305 3.76 3.60 -23.21
C GLU A 305 4.81 3.01 -22.27
N LYS A 306 5.06 3.69 -21.16
CA LYS A 306 6.05 3.22 -20.20
C LYS A 306 5.63 1.92 -19.54
N ALA A 307 4.33 1.75 -19.35
CA ALA A 307 3.82 0.53 -18.70
C ALA A 307 4.04 -0.66 -19.63
N GLU A 308 3.63 -0.48 -20.88
CA GLU A 308 3.79 -1.52 -21.89
C GLU A 308 5.27 -1.87 -22.05
N GLN A 309 6.09 -0.84 -22.07
CA GLN A 309 7.53 -1.08 -22.25
C GLN A 309 8.16 -1.82 -21.08
N ALA A 310 7.67 -1.57 -19.86
CA ALA A 310 8.20 -2.22 -18.64
C ALA A 310 7.85 -3.68 -18.66
N ILE A 311 6.68 -4.01 -19.17
CA ILE A 311 6.25 -5.41 -19.24
C ILE A 311 7.02 -6.15 -20.34
N ASN A 312 7.10 -5.55 -21.52
CA ASN A 312 7.77 -6.19 -22.64
C ASN A 312 9.28 -6.32 -22.46
N ASP A 313 9.86 -5.45 -21.63
CA ASP A 313 11.29 -5.55 -21.35
C ASP A 313 11.56 -6.61 -20.30
N GLY A 314 10.50 -7.17 -19.73
CA GLY A 314 10.65 -8.22 -18.73
C GLY A 314 10.91 -7.71 -17.32
N LEU A 315 10.64 -6.43 -17.09
CA LEU A 315 10.87 -5.83 -15.79
C LEU A 315 9.68 -5.91 -14.84
N ALA A 316 8.47 -5.84 -15.38
CA ALA A 316 7.26 -5.87 -14.56
C ALA A 316 6.20 -6.79 -15.14
N ASP A 317 5.32 -7.30 -14.28
CA ASP A 317 4.22 -8.15 -14.73
C ASP A 317 2.94 -7.32 -14.74
N MET A 318 2.83 -6.41 -13.78
CA MET A 318 1.67 -5.53 -13.69
C MET A 318 2.14 -4.11 -13.38
N ILE A 319 1.32 -3.13 -13.72
CA ILE A 319 1.69 -1.74 -13.48
C ILE A 319 0.55 -1.00 -12.82
N GLY A 320 0.87 -0.26 -11.76
CA GLY A 320 -0.15 0.52 -11.08
C GLY A 320 -0.18 1.95 -11.59
N PHE A 321 -1.38 2.52 -11.67
CA PHE A 321 -1.59 3.90 -12.12
C PHE A 321 -2.41 4.48 -10.98
N GLY A 322 -1.84 5.40 -10.21
CA GLY A 322 -2.54 5.96 -9.09
C GLY A 322 -3.37 7.19 -9.35
N ARG A 323 -2.69 8.33 -9.47
CA ARG A 323 -3.41 9.58 -9.71
C ARG A 323 -4.35 9.52 -10.92
N PRO A 324 -3.92 8.90 -12.02
CA PRO A 324 -4.82 8.82 -13.17
C PRO A 324 -6.09 8.04 -12.83
N PHE A 325 -5.99 7.05 -11.93
CA PHE A 325 -7.18 6.27 -11.59
C PHE A 325 -8.14 7.09 -10.72
N ILE A 326 -7.61 8.06 -10.01
CA ILE A 326 -8.48 8.90 -9.18
C ILE A 326 -9.46 9.66 -10.08
N ALA A 327 -8.92 10.29 -11.11
CA ALA A 327 -9.72 11.10 -12.03
C ALA A 327 -10.35 10.39 -13.22
N ASN A 328 -9.99 9.12 -13.42
CA ASN A 328 -10.54 8.39 -14.56
C ASN A 328 -11.01 7.02 -14.11
N PRO A 329 -12.29 6.88 -13.73
CA PRO A 329 -12.80 5.59 -13.28
C PRO A 329 -12.64 4.50 -14.34
N ASP A 330 -12.70 4.91 -15.60
CA ASP A 330 -12.52 4.02 -16.74
C ASP A 330 -11.13 4.16 -17.33
N LEU A 331 -10.13 4.26 -16.45
CA LEU A 331 -8.75 4.42 -16.90
C LEU A 331 -8.33 3.37 -17.92
N PRO A 332 -8.57 2.07 -17.64
CA PRO A 332 -8.15 1.08 -18.63
C PRO A 332 -8.65 1.36 -20.04
N GLU A 333 -9.94 1.68 -20.16
CA GLU A 333 -10.52 1.96 -21.47
C GLU A 333 -9.80 3.13 -22.10
N ARG A 334 -9.53 4.19 -21.31
CA ARG A 334 -8.84 5.34 -21.88
C ARG A 334 -7.41 4.98 -22.31
N LEU A 335 -6.70 4.20 -21.51
CA LEU A 335 -5.34 3.83 -21.85
C LEU A 335 -5.32 3.00 -23.14
N ARG A 336 -6.29 2.10 -23.27
CA ARG A 336 -6.36 1.24 -24.44
C ARG A 336 -6.66 2.00 -25.74
N HIS A 337 -7.57 2.97 -25.68
CA HIS A 337 -7.93 3.76 -26.85
C HIS A 337 -7.13 5.04 -27.01
N GLY A 338 -6.42 5.42 -25.95
CA GLY A 338 -5.66 6.65 -26.01
C GLY A 338 -6.57 7.85 -25.85
N TYR A 339 -7.67 7.65 -25.12
CA TYR A 339 -8.60 8.75 -24.86
C TYR A 339 -7.89 9.70 -23.90
N PRO A 340 -8.21 11.00 -23.96
CA PRO A 340 -7.56 11.94 -23.04
C PRO A 340 -7.92 11.64 -21.60
N LEU A 341 -6.96 11.81 -20.71
CA LEU A 341 -7.19 11.54 -19.29
C LEU A 341 -7.54 12.82 -18.55
N ALA A 342 -8.56 12.75 -17.71
CA ALA A 342 -8.93 13.88 -16.89
C ALA A 342 -7.84 13.94 -15.81
N GLU A 343 -7.67 15.10 -15.18
CA GLU A 343 -6.67 15.22 -14.12
C GLU A 343 -7.43 15.39 -12.82
N HIS A 344 -6.87 14.85 -11.74
CA HIS A 344 -7.53 14.94 -10.45
C HIS A 344 -7.33 16.30 -9.80
N VAL A 345 -8.21 16.61 -8.85
CA VAL A 345 -8.16 17.86 -8.11
C VAL A 345 -7.52 17.58 -6.75
N PRO A 346 -6.32 18.12 -6.50
CA PRO A 346 -5.67 17.87 -5.20
C PRO A 346 -6.54 18.20 -3.99
N ALA A 347 -7.32 19.28 -4.10
CA ALA A 347 -8.16 19.72 -2.99
C ALA A 347 -9.19 18.73 -2.49
N THR A 348 -9.55 17.74 -3.32
CA THR A 348 -10.55 16.76 -2.89
C THR A 348 -9.96 15.35 -2.75
N LEU A 349 -8.64 15.28 -2.70
CA LEU A 349 -7.99 13.97 -2.54
C LEU A 349 -8.35 13.34 -1.21
N PHE A 350 -8.38 14.16 -0.16
CA PHE A 350 -8.67 13.68 1.18
C PHE A 350 -9.84 14.35 1.87
N GLY A 351 -10.60 13.56 2.62
CA GLY A 351 -11.74 14.08 3.34
C GLY A 351 -12.90 14.44 2.44
N GLY A 352 -13.92 15.03 3.05
CA GLY A 352 -15.09 15.42 2.29
C GLY A 352 -16.00 14.26 2.00
N GLY A 353 -16.79 14.38 0.93
CA GLY A 353 -17.72 13.33 0.57
C GLY A 353 -17.53 12.83 -0.85
N GLU A 354 -18.65 12.63 -1.54
CA GLU A 354 -18.62 12.11 -2.92
C GLU A 354 -17.92 13.01 -3.94
N LYS A 355 -17.93 14.32 -3.70
CA LYS A 355 -17.28 15.25 -4.63
C LYS A 355 -15.78 14.99 -4.66
N GLY A 356 -15.26 14.73 -5.86
CA GLY A 356 -13.85 14.47 -6.02
C GLY A 356 -13.51 13.02 -5.71
N LEU A 357 -14.54 12.20 -5.56
CA LEU A 357 -14.37 10.77 -5.27
C LEU A 357 -15.13 9.91 -6.28
N THR A 358 -16.46 10.06 -6.30
CA THR A 358 -17.30 9.27 -7.20
C THR A 358 -17.93 10.03 -8.34
N ASP A 359 -17.67 11.34 -8.44
CA ASP A 359 -18.25 12.12 -9.52
C ASP A 359 -17.34 12.44 -10.70
N TYR A 360 -16.21 11.73 -10.82
CA TYR A 360 -15.36 11.91 -12.00
C TYR A 360 -16.07 11.03 -13.03
N PRO A 361 -16.51 11.62 -14.14
CA PRO A 361 -17.21 10.81 -15.15
C PRO A 361 -16.37 9.88 -15.99
N THR A 362 -17.02 8.90 -16.61
CA THR A 362 -16.33 8.00 -17.52
C THR A 362 -16.20 8.86 -18.79
N TYR A 363 -15.37 8.42 -19.72
CA TYR A 363 -15.14 9.18 -20.94
C TYR A 363 -16.35 9.28 -21.86
N GLN A 364 -16.57 10.49 -22.36
CA GLN A 364 -17.69 10.74 -23.27
C GLN A 364 -17.23 11.74 -24.33
N ALA A 365 -17.09 11.28 -25.57
CA ALA A 365 -16.67 12.14 -26.66
C ALA A 365 -17.75 13.17 -26.97
S SO4 B . 0.25 15.60 -9.45
O1 SO4 B . 1.41 16.44 -9.75
O2 SO4 B . 0.24 14.45 -10.37
O3 SO4 B . 0.32 15.12 -8.04
O4 SO4 B . -0.98 16.38 -9.65
N1 FMN C . 0.57 4.31 -1.35
C2 FMN C . 0.40 3.31 -0.38
O2 FMN C . 1.16 2.39 -0.28
N3 FMN C . -0.77 3.40 0.47
C4 FMN C . -1.73 4.37 0.43
O4 FMN C . -2.63 4.41 1.26
C4A FMN C . -1.50 5.50 -0.51
N5 FMN C . -2.23 6.66 -0.41
C5A FMN C . -2.13 7.55 -1.45
C6 FMN C . -3.09 8.68 -1.53
C7 FMN C . -3.13 9.57 -2.67
C7M FMN C . -4.22 10.64 -2.74
C8 FMN C . -2.13 9.40 -3.73
C8M FMN C . -2.15 10.28 -5.01
C9 FMN C . -1.16 8.34 -3.63
C9A FMN C . -1.13 7.43 -2.53
N10 FMN C . -0.26 6.28 -2.41
C10 FMN C . -0.30 5.32 -1.41
C1' FMN C . 0.82 6.11 -3.45
C2' FMN C . 0.24 5.42 -4.68
O2' FMN C . -0.18 4.08 -4.42
C3' FMN C . 1.20 5.40 -5.88
O3' FMN C . 2.33 4.56 -5.59
C4' FMN C . 1.69 6.79 -6.24
O4' FMN C . 0.58 7.73 -6.39
C5' FMN C . 2.55 6.82 -7.49
O5' FMN C . 1.76 6.46 -8.68
P FMN C . 1.15 7.51 -9.70
O1P FMN C . 0.07 8.29 -9.02
O2P FMN C . 2.31 8.36 -10.20
O3P FMN C . 0.57 6.65 -10.84
C1' HBA D . -1.36 9.78 1.75
O1' HBA D . -1.16 10.72 1.01
C1 HBA D . -0.51 8.59 1.69
C2 HBA D . -0.75 7.49 2.57
C3 HBA D . 0.13 6.39 2.54
C4 HBA D . 1.23 6.39 1.65
C5 HBA D . 1.48 7.45 0.74
C6 HBA D . 0.59 8.53 0.78
O4 HBA D . 1.86 5.21 1.45
C1' HBA E . -7.62 15.92 5.30
O1' HBA E . -7.32 16.94 4.73
C1 HBA E . -6.71 14.75 5.28
C2 HBA E . -7.08 13.55 5.95
C3 HBA E . -6.18 12.48 5.96
C4 HBA E . -4.92 12.60 5.31
C5 HBA E . -4.53 13.78 4.61
C6 HBA E . -5.46 14.83 4.59
O4 HBA E . -4.20 11.48 5.11
#